data_1QNQ
#
_entry.id   1QNQ
#
_cell.length_a   51.130
_cell.length_b   54.290
_cell.length_c   61.050
_cell.angle_alpha   90.00
_cell.angle_beta   110.21
_cell.angle_gamma   90.00
#
_symmetry.space_group_name_H-M   'P 1 21 1'
#
loop_
_entity.id
_entity.type
_entity.pdbx_description
1 polymer ENDO-1,4-B-D-MANNANASE
2 non-polymer "2,2':6',2''-TERPYRIDINE PLATINUM(II) Chloride"
3 non-polymer 'SULFATE ION'
4 non-polymer 2-acetamido-2-deoxy-beta-D-glucopyranose
5 water water
#
_entity_poly.entity_id   1
_entity_poly.type   'polypeptide(L)'
_entity_poly.pdbx_seq_one_letter_code
;ASSFVTISGTQFNIDGKVGYFAGTNCYWCSFLTNHADVDSTFSHISSSGLKVVRVWGFNDVNTQPSPGQIWFQKLSATGS
TINTGADGLQTLDYVVQSAEQHNLKLIIPFVNNWSDYGGINAYVNAFGGNATTWYTNTAAQTQYRKYVQAVVSRYANSTA
IFAWELGNEPRCNGCSTDVIVQWATSVSQYVKSLDSNHLVTLGDEGLGLSTGDGAYPYTYGEGTDFAKNVQIKSLDFGTF
HLYPDSWGTNYTWGNGWIQTHAAACLAAGKPCVFEEYGAQQNPCTNEAPWQTTSLTTRGMGGDMFWQWGDTFANGAQSNS
DPYTVWYNSSNWQCLVKNHVDAIN
;
_entity_poly.pdbx_strand_id   A
#
# COMPACT_ATOMS: atom_id res chain seq x y z
N ALA A 1 20.84 -14.11 1.31
CA ALA A 1 20.31 -14.18 2.70
C ALA A 1 18.79 -13.96 2.72
N SER A 2 18.15 -14.33 3.81
CA SER A 2 16.70 -14.15 4.02
C SER A 2 16.53 -13.54 5.42
N SER A 3 16.31 -12.22 5.50
CA SER A 3 16.23 -11.56 6.81
C SER A 3 15.05 -10.61 6.91
N PHE A 4 14.82 -10.11 8.14
CA PHE A 4 13.74 -9.15 8.33
C PHE A 4 14.13 -7.78 7.72
N VAL A 5 13.21 -7.12 7.00
CA VAL A 5 13.47 -5.79 6.42
C VAL A 5 13.63 -4.71 7.51
N THR A 6 14.70 -3.94 7.50
CA THR A 6 15.02 -2.90 8.49
C THR A 6 15.45 -1.59 7.83
N ILE A 7 15.60 -0.54 8.65
CA ILE A 7 16.15 0.73 8.23
C ILE A 7 17.63 0.84 8.57
N SER A 8 18.48 1.33 7.68
CA SER A 8 19.91 1.55 7.87
C SER A 8 20.20 3.02 7.58
N GLY A 9 20.36 3.82 8.66
CA GLY A 9 20.58 5.26 8.39
C GLY A 9 19.39 5.89 7.70
N THR A 10 19.63 6.58 6.57
CA THR A 10 18.60 7.21 5.78
C THR A 10 17.95 6.33 4.72
N GLN A 11 18.24 5.03 4.62
CA GLN A 11 17.86 4.10 3.58
C GLN A 11 17.27 2.77 4.06
N PHE A 12 16.80 1.86 3.21
CA PHE A 12 16.33 0.53 3.56
C PHE A 12 17.37 -0.59 3.39
N ASN A 13 17.30 -1.64 4.20
CA ASN A 13 18.19 -2.82 4.16
C ASN A 13 17.35 -4.05 3.87
N ILE A 14 17.46 -4.62 2.66
CA ILE A 14 16.70 -5.76 2.19
C ILE A 14 17.60 -6.98 1.97
N ASP A 15 17.44 -8.01 2.79
CA ASP A 15 18.31 -9.20 2.75
C ASP A 15 19.79 -8.86 2.77
N GLY A 16 20.18 -7.84 3.54
CA GLY A 16 21.56 -7.44 3.73
C GLY A 16 22.11 -6.40 2.79
N LYS A 17 21.35 -6.09 1.73
CA LYS A 17 21.70 -5.07 0.76
C LYS A 17 21.08 -3.71 1.06
N VAL A 18 21.88 -2.68 1.28
CA VAL A 18 21.37 -1.32 1.54
C VAL A 18 21.34 -0.47 0.29
N GLY A 19 20.21 0.19 -0.01
CA GLY A 19 20.09 1.03 -1.18
C GLY A 19 18.69 1.12 -1.80
N TYR A 20 18.52 1.92 -2.82
CA TYR A 20 17.27 2.15 -3.54
C TYR A 20 16.64 0.90 -4.13
N PHE A 21 15.33 0.74 -4.05
CA PHE A 21 14.56 -0.38 -4.60
C PHE A 21 13.43 0.04 -5.54
N ALA A 22 13.09 -0.84 -6.48
CA ALA A 22 11.87 -0.71 -7.30
C ALA A 22 10.90 -1.89 -7.04
N GLY A 23 9.60 -1.56 -7.09
CA GLY A 23 8.54 -2.57 -6.92
C GLY A 23 7.26 -2.27 -7.70
N THR A 24 6.17 -2.98 -7.40
CA THR A 24 4.89 -2.76 -8.12
C THR A 24 3.68 -3.02 -7.22
N ASN A 25 2.50 -2.59 -7.66
CA ASN A 25 1.23 -2.82 -7.00
C ASN A 25 0.49 -3.99 -7.67
N CYS A 26 -0.06 -4.91 -6.89
CA CYS A 26 -0.88 -6.06 -7.37
C CYS A 26 -1.95 -6.38 -6.32
N TYR A 27 -2.98 -5.52 -6.18
CA TYR A 27 -4.04 -5.67 -5.20
C TYR A 27 -4.71 -7.05 -5.36
N TRP A 28 -4.94 -7.43 -6.62
CA TRP A 28 -5.65 -8.61 -7.07
C TRP A 28 -4.92 -9.91 -6.80
N CYS A 29 -3.62 -9.89 -6.50
CA CYS A 29 -2.83 -11.08 -6.19
C CYS A 29 -3.36 -11.78 -4.94
N SER A 30 -4.07 -11.09 -4.04
CA SER A 30 -4.63 -11.61 -2.82
C SER A 30 -5.89 -12.44 -2.95
N PHE A 31 -6.57 -12.40 -4.07
CA PHE A 31 -7.87 -13.01 -4.32
C PHE A 31 -7.84 -14.05 -5.42
N LEU A 32 -6.88 -14.97 -5.38
CA LEU A 32 -6.74 -16.08 -6.34
C LEU A 32 -6.99 -17.41 -5.66
N THR A 33 -7.88 -18.26 -6.19
CA THR A 33 -8.21 -19.55 -5.62
C THR A 33 -7.27 -20.68 -6.04
N ASN A 34 -6.48 -20.52 -7.08
CA ASN A 34 -5.45 -21.51 -7.49
C ASN A 34 -4.07 -20.92 -7.18
N HIS A 35 -3.31 -21.54 -6.29
CA HIS A 35 -2.02 -20.96 -5.91
C HIS A 35 -1.03 -20.93 -7.07
N ALA A 36 -1.20 -21.76 -8.10
CA ALA A 36 -0.30 -21.73 -9.24
C ALA A 36 -0.39 -20.41 -10.01
N ASP A 37 -1.51 -19.70 -9.97
CA ASP A 37 -1.69 -18.41 -10.61
C ASP A 37 -0.94 -17.29 -9.86
N VAL A 38 -0.83 -17.35 -8.54
CA VAL A 38 -0.01 -16.47 -7.73
C VAL A 38 1.47 -16.71 -8.06
N ASP A 39 1.87 -17.97 -8.12
CA ASP A 39 3.25 -18.39 -8.38
C ASP A 39 3.78 -18.02 -9.76
N SER A 40 2.99 -18.12 -10.83
CA SER A 40 3.44 -17.72 -12.17
C SER A 40 3.62 -16.20 -12.21
N THR A 41 2.73 -15.46 -11.58
CA THR A 41 2.83 -13.99 -11.52
C THR A 41 4.08 -13.54 -10.76
N PHE A 42 4.34 -14.10 -9.57
CA PHE A 42 5.54 -13.79 -8.79
C PHE A 42 6.85 -14.23 -9.43
N SER A 43 6.86 -15.32 -10.22
CA SER A 43 8.02 -15.71 -11.01
C SER A 43 8.39 -14.59 -11.99
N HIS A 44 7.40 -14.01 -12.67
CA HIS A 44 7.62 -12.91 -13.61
C HIS A 44 8.11 -11.60 -12.98
N ILE A 45 7.51 -11.23 -11.82
CA ILE A 45 7.96 -10.03 -11.09
C ILE A 45 9.41 -10.20 -10.66
N SER A 46 9.81 -11.36 -10.11
CA SER A 46 11.19 -11.61 -9.66
C SER A 46 12.19 -11.64 -10.80
N SER A 47 11.88 -12.29 -11.90
CA SER A 47 12.84 -12.32 -13.01
C SER A 47 12.99 -10.96 -13.65
N SER A 48 12.02 -10.04 -13.50
CA SER A 48 12.08 -8.67 -13.98
C SER A 48 13.05 -7.83 -13.13
N GLY A 49 13.47 -8.25 -11.97
CA GLY A 49 14.36 -7.54 -11.08
C GLY A 49 13.71 -6.67 -10.00
N LEU A 50 12.40 -6.74 -9.86
CA LEU A 50 11.64 -6.01 -8.84
C LEU A 50 11.78 -6.69 -7.47
N LYS A 51 11.75 -5.97 -6.33
CA LYS A 51 11.99 -6.61 -5.04
C LYS A 51 10.81 -6.58 -4.07
N VAL A 52 9.82 -5.69 -4.29
CA VAL A 52 8.69 -5.49 -3.38
C VAL A 52 7.35 -5.41 -4.11
N VAL A 53 6.30 -5.97 -3.56
CA VAL A 53 4.92 -5.96 -4.07
C VAL A 53 3.91 -5.49 -3.00
N ARG A 54 2.98 -4.60 -3.34
CA ARG A 54 1.90 -4.11 -2.46
C ARG A 54 0.63 -4.90 -2.78
N VAL A 55 -0.02 -5.56 -1.79
CA VAL A 55 -1.18 -6.43 -2.01
C VAL A 55 -2.26 -6.15 -0.95
N TRP A 56 -3.53 -6.39 -1.22
CA TRP A 56 -4.57 -6.03 -0.21
C TRP A 56 -4.59 -7.04 0.96
N GLY A 57 -4.72 -6.54 2.20
CA GLY A 57 -4.90 -7.37 3.38
C GLY A 57 -6.32 -7.43 3.90
N PHE A 58 -7.32 -7.01 3.11
CA PHE A 58 -8.74 -6.92 3.42
C PHE A 58 -9.67 -7.39 2.31
N ASN A 59 -10.90 -7.78 2.68
CA ASN A 59 -11.98 -8.12 1.76
C ASN A 59 -13.25 -8.16 2.64
N ASP A 60 -13.85 -6.99 2.87
CA ASP A 60 -14.97 -6.76 3.76
C ASP A 60 -16.36 -6.77 3.12
N VAL A 61 -17.34 -7.45 3.73
CA VAL A 61 -18.70 -7.56 3.26
C VAL A 61 -19.72 -7.37 4.39
N ASN A 62 -20.99 -7.10 4.05
CA ASN A 62 -22.07 -7.04 5.03
C ASN A 62 -22.97 -8.29 4.86
N THR A 63 -22.89 -8.94 3.71
CA THR A 63 -23.60 -10.18 3.40
C THR A 63 -22.62 -11.11 2.66
N GLN A 64 -22.60 -12.40 3.01
CA GLN A 64 -21.68 -13.34 2.36
C GLN A 64 -21.95 -13.42 0.86
N PRO A 65 -20.91 -13.57 0.08
CA PRO A 65 -21.00 -13.67 -1.37
C PRO A 65 -21.48 -15.04 -1.84
N SER A 66 -21.65 -15.21 -3.17
CA SER A 66 -22.08 -16.52 -3.67
C SER A 66 -21.08 -17.58 -3.20
N PRO A 67 -21.55 -18.77 -2.83
CA PRO A 67 -20.69 -19.86 -2.43
C PRO A 67 -19.57 -20.13 -3.42
N GLY A 68 -18.32 -20.10 -2.99
CA GLY A 68 -17.12 -20.27 -3.80
C GLY A 68 -16.32 -18.98 -3.92
N GLN A 69 -16.94 -17.85 -3.72
CA GLN A 69 -16.34 -16.52 -3.82
C GLN A 69 -15.60 -16.21 -2.52
N ILE A 70 -14.54 -15.41 -2.60
CA ILE A 70 -13.68 -15.09 -1.45
C ILE A 70 -14.23 -13.97 -0.57
N TRP A 71 -14.08 -14.09 0.75
CA TRP A 71 -14.41 -13.04 1.71
C TRP A 71 -13.55 -13.18 2.96
N PHE A 72 -12.94 -12.11 3.50
CA PHE A 72 -12.07 -12.21 4.67
C PHE A 72 -12.81 -11.84 5.98
N GLN A 73 -13.81 -10.99 5.97
CA GLN A 73 -14.53 -10.52 7.15
C GLN A 73 -15.96 -10.09 6.86
N LYS A 74 -16.94 -10.49 7.70
CA LYS A 74 -18.34 -10.08 7.58
C LYS A 74 -18.69 -9.16 8.77
N LEU A 75 -19.03 -7.89 8.48
CA LEU A 75 -19.33 -6.88 9.51
C LEU A 75 -20.81 -6.78 9.83
N SER A 76 -21.16 -6.99 11.10
CA SER A 76 -22.56 -6.98 11.57
C SER A 76 -22.72 -6.47 13.01
N ALA A 77 -23.75 -5.68 13.32
CA ALA A 77 -24.04 -5.23 14.67
C ALA A 77 -24.44 -6.32 15.65
N THR A 78 -24.75 -7.51 15.15
CA THR A 78 -25.11 -8.64 16.00
C THR A 78 -24.00 -9.68 16.14
N GLY A 79 -22.78 -9.32 15.78
CA GLY A 79 -21.61 -10.20 15.89
C GLY A 79 -20.93 -10.44 14.54
N SER A 80 -19.72 -9.93 14.40
CA SER A 80 -18.96 -10.08 13.14
C SER A 80 -18.18 -11.37 13.04
N THR A 81 -17.88 -11.84 11.83
CA THR A 81 -17.15 -13.09 11.59
C THR A 81 -15.88 -12.92 10.76
N ILE A 82 -14.74 -13.41 11.25
CA ILE A 82 -13.46 -13.36 10.49
C ILE A 82 -13.26 -14.78 9.89
N ASN A 83 -13.13 -14.87 8.57
CA ASN A 83 -13.04 -16.14 7.85
C ASN A 83 -11.62 -16.65 7.61
N THR A 84 -11.27 -17.76 8.27
CA THR A 84 -9.96 -18.38 8.17
C THR A 84 -10.02 -19.66 7.36
N GLY A 85 -11.14 -19.89 6.70
CA GLY A 85 -11.41 -21.01 5.83
C GLY A 85 -10.75 -20.98 4.46
N ALA A 86 -11.07 -21.98 3.63
CA ALA A 86 -10.48 -22.12 2.30
C ALA A 86 -10.79 -20.99 1.33
N ASP A 87 -11.95 -20.37 1.49
CA ASP A 87 -12.46 -19.25 0.74
C ASP A 87 -12.26 -17.93 1.52
N GLY A 88 -11.43 -17.94 2.53
CA GLY A 88 -11.08 -16.78 3.36
C GLY A 88 -9.58 -16.43 3.36
N LEU A 89 -8.99 -16.20 4.54
CA LEU A 89 -7.59 -15.79 4.70
C LEU A 89 -6.58 -16.81 4.18
N GLN A 90 -6.96 -18.07 3.90
CA GLN A 90 -6.03 -18.97 3.21
C GLN A 90 -5.61 -18.45 1.84
N THR A 91 -6.35 -17.62 1.11
CA THR A 91 -5.86 -17.09 -0.18
C THR A 91 -4.81 -16.00 0.05
N LEU A 92 -4.82 -15.25 1.17
CA LEU A 92 -3.72 -14.33 1.51
C LEU A 92 -2.51 -15.16 1.96
N ASP A 93 -2.68 -16.30 2.65
CA ASP A 93 -1.55 -17.18 2.97
C ASP A 93 -0.78 -17.58 1.70
N TYR A 94 -1.47 -17.90 0.60
CA TYR A 94 -0.85 -18.21 -0.69
C TYR A 94 0.12 -17.14 -1.15
N VAL A 95 -0.21 -15.85 -0.99
CA VAL A 95 0.67 -14.74 -1.34
C VAL A 95 1.90 -14.63 -0.46
N VAL A 96 1.81 -14.75 0.88
CA VAL A 96 2.99 -14.69 1.75
C VAL A 96 3.95 -15.86 1.45
N GLN A 97 3.42 -17.05 1.23
CA GLN A 97 4.18 -18.26 0.89
C GLN A 97 4.88 -18.06 -0.44
N SER A 98 4.17 -17.56 -1.46
CA SER A 98 4.80 -17.30 -2.77
C SER A 98 5.94 -16.28 -2.71
N ALA A 99 5.81 -15.26 -1.86
CA ALA A 99 6.86 -14.26 -1.68
C ALA A 99 8.11 -14.91 -1.08
N GLU A 100 7.96 -15.77 -0.09
CA GLU A 100 9.12 -16.49 0.49
C GLU A 100 9.82 -17.31 -0.59
N GLN A 101 9.05 -18.01 -1.43
CA GLN A 101 9.64 -18.85 -2.49
C GLN A 101 10.25 -18.09 -3.65
N HIS A 102 9.90 -16.85 -3.91
CA HIS A 102 10.46 -16.11 -5.07
C HIS A 102 11.29 -14.91 -4.64
N ASN A 103 11.70 -14.85 -3.38
CA ASN A 103 12.58 -13.82 -2.84
C ASN A 103 12.03 -12.42 -2.96
N LEU A 104 10.74 -12.21 -2.63
CA LEU A 104 10.07 -10.90 -2.65
C LEU A 104 9.57 -10.45 -1.27
N LYS A 105 9.35 -9.14 -1.04
CA LYS A 105 8.81 -8.62 0.23
C LYS A 105 7.46 -7.94 -0.03
N LEU A 106 6.55 -7.87 0.95
CA LEU A 106 5.21 -7.32 0.78
C LEU A 106 4.80 -6.16 1.66
N ILE A 107 4.10 -5.15 1.12
CA ILE A 107 3.47 -4.06 1.92
C ILE A 107 1.97 -4.40 1.97
N ILE A 108 1.32 -4.50 3.13
CA ILE A 108 -0.04 -4.95 3.32
C ILE A 108 -0.93 -4.02 4.18
N PRO A 109 -1.88 -3.30 3.62
CA PRO A 109 -2.86 -2.48 4.33
C PRO A 109 -4.04 -3.28 4.88
N PHE A 110 -4.64 -2.85 6.02
CA PHE A 110 -5.70 -3.55 6.73
C PHE A 110 -7.13 -3.14 6.45
N VAL A 111 -7.37 -1.98 5.85
CA VAL A 111 -8.70 -1.46 5.48
C VAL A 111 -8.61 -0.46 4.30
N ASN A 112 -9.65 -0.26 3.52
CA ASN A 112 -9.75 0.73 2.46
C ASN A 112 -10.52 1.98 2.87
N ASN A 113 -10.01 3.20 2.49
CA ASN A 113 -10.81 4.41 2.71
C ASN A 113 -12.00 4.40 1.74
N TRP A 114 -11.78 3.89 0.52
CA TRP A 114 -12.78 3.86 -0.56
C TRP A 114 -13.67 2.61 -0.45
N SER A 115 -14.82 2.53 -1.13
CA SER A 115 -15.76 1.41 -0.94
C SER A 115 -15.49 0.14 -1.72
N ASP A 116 -14.40 0.09 -2.46
CA ASP A 116 -13.97 -1.12 -3.19
C ASP A 116 -13.51 -2.18 -2.19
N TYR A 117 -14.07 -3.39 -2.28
CA TYR A 117 -13.81 -4.49 -1.36
C TYR A 117 -14.26 -4.06 0.07
N GLY A 118 -15.39 -3.35 0.14
CA GLY A 118 -16.06 -2.99 1.38
C GLY A 118 -15.72 -1.63 1.97
N GLY A 119 -14.50 -1.49 2.46
CA GLY A 119 -13.93 -0.30 3.05
C GLY A 119 -14.61 0.25 4.30
N ILE A 120 -14.32 1.51 4.66
CA ILE A 120 -14.96 2.21 5.77
C ILE A 120 -16.49 2.14 5.65
N ASN A 121 -17.06 2.23 4.44
CA ASN A 121 -18.49 2.12 4.22
C ASN A 121 -19.11 0.84 4.76
N ALA A 122 -18.42 -0.31 4.67
CA ALA A 122 -18.98 -1.54 5.23
C ALA A 122 -19.03 -1.48 6.76
N TYR A 123 -18.08 -0.82 7.41
CA TYR A 123 -18.14 -0.61 8.87
C TYR A 123 -19.31 0.34 9.18
N VAL A 124 -19.55 1.39 8.40
CA VAL A 124 -20.65 2.36 8.62
C VAL A 124 -22.01 1.69 8.55
N ASN A 125 -22.22 0.80 7.59
CA ASN A 125 -23.50 0.08 7.46
C ASN A 125 -23.80 -0.73 8.73
N ALA A 126 -22.80 -1.39 9.28
CA ALA A 126 -22.99 -2.20 10.48
C ALA A 126 -23.10 -1.45 11.81
N PHE A 127 -22.25 -0.45 12.04
CA PHE A 127 -22.10 0.21 13.33
C PHE A 127 -22.62 1.62 13.48
N GLY A 128 -23.19 2.20 12.43
CA GLY A 128 -23.71 3.56 12.39
C GLY A 128 -22.70 4.69 12.20
N GLY A 129 -23.16 5.93 12.39
CA GLY A 129 -22.33 7.13 12.22
C GLY A 129 -22.07 7.40 10.74
N ASN A 130 -20.88 7.94 10.40
CA ASN A 130 -20.60 8.19 8.97
C ASN A 130 -19.11 8.06 8.64
N ALA A 131 -18.63 8.38 7.43
CA ALA A 131 -17.24 8.19 7.07
C ALA A 131 -16.19 8.99 7.83
N THR A 132 -16.57 10.10 8.47
CA THR A 132 -15.64 10.90 9.27
C THR A 132 -15.69 10.53 10.75
N THR A 133 -16.81 10.07 11.28
CA THR A 133 -16.90 9.64 12.67
C THR A 133 -16.36 8.22 12.86
N TRP A 134 -16.05 7.47 11.80
CA TRP A 134 -15.52 6.12 11.88
C TRP A 134 -14.29 6.00 12.79
N TYR A 135 -13.37 6.97 12.73
CA TYR A 135 -12.14 7.01 13.49
C TYR A 135 -12.33 6.96 15.02
N THR A 136 -13.47 7.48 15.50
CA THR A 136 -13.85 7.50 16.90
C THR A 136 -15.07 6.69 17.30
N ASN A 137 -15.62 5.87 16.41
CA ASN A 137 -16.75 4.96 16.69
C ASN A 137 -16.27 3.75 17.47
N THR A 138 -16.73 3.60 18.75
CA THR A 138 -16.21 2.54 19.61
C THR A 138 -16.38 1.13 19.10
N ALA A 139 -17.55 0.75 18.60
CA ALA A 139 -17.76 -0.62 18.08
C ALA A 139 -16.97 -0.89 16.81
N ALA A 140 -16.89 0.14 15.95
CA ALA A 140 -16.09 -0.07 14.72
C ALA A 140 -14.60 -0.27 15.00
N GLN A 141 -14.01 0.54 15.87
CA GLN A 141 -12.61 0.43 16.24
C GLN A 141 -12.31 -0.86 17.00
N THR A 142 -13.21 -1.35 17.85
CA THR A 142 -13.00 -2.63 18.53
C THR A 142 -12.90 -3.77 17.49
N GLN A 143 -13.75 -3.78 16.46
CA GLN A 143 -13.69 -4.84 15.45
C GLN A 143 -12.48 -4.69 14.52
N TYR A 144 -12.11 -3.46 14.15
CA TYR A 144 -10.91 -3.23 13.32
C TYR A 144 -9.66 -3.77 14.00
N ARG A 145 -9.50 -3.52 15.29
CA ARG A 145 -8.37 -3.99 16.08
C ARG A 145 -8.36 -5.52 16.20
N LYS A 146 -9.52 -6.16 16.30
CA LYS A 146 -9.58 -7.63 16.27
C LYS A 146 -9.14 -8.17 14.90
N TYR A 147 -9.53 -7.50 13.82
CA TYR A 147 -9.09 -7.90 12.46
C TYR A 147 -7.58 -7.73 12.30
N VAL A 148 -6.97 -6.64 12.79
CA VAL A 148 -5.53 -6.44 12.79
C VAL A 148 -4.81 -7.60 13.50
N GLN A 149 -5.27 -8.06 14.71
CA GLN A 149 -4.60 -9.17 15.38
C GLN A 149 -4.73 -10.48 14.59
N ALA A 150 -5.88 -10.73 13.98
CA ALA A 150 -6.04 -11.95 13.17
C ALA A 150 -5.07 -12.02 11.99
N VAL A 151 -4.79 -10.90 11.32
CA VAL A 151 -3.84 -10.90 10.20
C VAL A 151 -2.39 -10.94 10.70
N VAL A 152 -2.01 -10.07 11.66
CA VAL A 152 -0.61 -9.97 12.10
C VAL A 152 -0.11 -11.27 12.71
N SER A 153 -0.93 -11.90 13.54
CA SER A 153 -0.58 -13.16 14.21
C SER A 153 -0.30 -14.31 13.22
N ARG A 154 -0.73 -14.27 11.97
CA ARG A 154 -0.40 -15.33 11.02
C ARG A 154 1.02 -15.20 10.48
N TYR A 155 1.55 -13.97 10.31
CA TYR A 155 2.79 -13.72 9.61
C TYR A 155 3.85 -12.98 10.40
N ALA A 156 3.73 -12.72 11.69
CA ALA A 156 4.72 -11.93 12.47
C ALA A 156 6.16 -12.42 12.45
N ASN A 157 6.39 -13.73 12.23
CA ASN A 157 7.71 -14.29 12.17
C ASN A 157 8.19 -14.65 10.76
N SER A 158 7.39 -14.34 9.73
CA SER A 158 7.85 -14.50 8.35
C SER A 158 8.79 -13.39 7.90
N THR A 159 9.90 -13.74 7.20
CA THR A 159 10.83 -12.78 6.63
C THR A 159 10.32 -12.14 5.34
N ALA A 160 9.17 -12.48 4.80
CA ALA A 160 8.62 -11.87 3.60
C ALA A 160 7.83 -10.58 3.78
N ILE A 161 7.57 -10.09 4.98
CA ILE A 161 6.83 -8.82 5.17
C ILE A 161 7.74 -7.60 5.12
N PHE A 162 7.53 -6.64 4.23
CA PHE A 162 8.28 -5.38 4.18
C PHE A 162 7.74 -4.46 5.30
N ALA A 163 6.42 -4.25 5.31
CA ALA A 163 5.75 -3.46 6.36
C ALA A 163 4.25 -3.69 6.48
N TRP A 164 3.70 -3.45 7.70
CA TRP A 164 2.25 -3.39 7.89
C TRP A 164 1.82 -1.94 7.58
N GLU A 165 0.63 -1.74 7.02
CA GLU A 165 0.11 -0.43 6.62
C GLU A 165 -1.27 -0.19 7.20
N LEU A 166 -1.55 0.97 7.87
CA LEU A 166 -2.83 1.15 8.55
C LEU A 166 -4.03 1.17 7.59
N GLY A 167 -3.97 1.78 6.40
CA GLY A 167 -5.04 1.72 5.44
C GLY A 167 -4.63 2.19 4.03
N ASN A 168 -5.53 2.07 3.06
CA ASN A 168 -5.30 2.57 1.69
C ASN A 168 -5.96 3.97 1.61
N GLU A 169 -5.14 5.02 1.59
CA GLU A 169 -5.51 6.41 1.42
C GLU A 169 -6.44 6.96 2.48
N PRO A 170 -6.17 6.75 3.77
CA PRO A 170 -7.05 7.34 4.79
C PRO A 170 -7.27 8.84 4.63
N ARG A 171 -8.52 9.30 4.68
CA ARG A 171 -8.91 10.70 4.65
C ARG A 171 -9.96 11.03 5.72
N CYS A 172 -10.11 12.29 6.12
CA CYS A 172 -11.18 12.75 7.03
C CYS A 172 -11.65 14.08 6.42
N ASN A 173 -12.60 14.03 5.50
CA ASN A 173 -12.98 15.23 4.70
C ASN A 173 -13.50 16.40 5.52
N GLY A 174 -12.81 17.55 5.49
CA GLY A 174 -13.20 18.72 6.27
C GLY A 174 -12.85 18.68 7.75
N CYS A 175 -12.23 17.63 8.27
CA CYS A 175 -11.98 17.47 9.68
C CYS A 175 -10.73 18.22 10.16
N SER A 176 -10.62 18.42 11.48
CA SER A 176 -9.34 18.88 12.03
C SER A 176 -8.32 17.79 11.68
N THR A 177 -7.07 18.14 11.40
CA THR A 177 -6.00 17.17 11.11
C THR A 177 -5.63 16.33 12.33
N ASP A 178 -5.98 16.75 13.55
CA ASP A 178 -5.72 15.97 14.77
C ASP A 178 -6.50 14.68 14.87
N VAL A 179 -7.62 14.52 14.13
CA VAL A 179 -8.38 13.26 14.24
C VAL A 179 -7.50 12.10 13.75
N ILE A 180 -6.96 12.18 12.54
CA ILE A 180 -6.04 11.14 12.04
C ILE A 180 -4.74 11.09 12.83
N VAL A 181 -4.18 12.20 13.33
CA VAL A 181 -2.97 12.06 14.14
C VAL A 181 -3.20 11.18 15.39
N GLN A 182 -4.26 11.45 16.17
CA GLN A 182 -4.52 10.64 17.37
C GLN A 182 -4.85 9.18 17.05
N TRP A 183 -5.64 8.90 16.01
CA TRP A 183 -6.01 7.54 15.60
C TRP A 183 -4.78 6.74 15.18
N ALA A 184 -3.97 7.35 14.30
CA ALA A 184 -2.75 6.67 13.83
C ALA A 184 -1.71 6.41 14.93
N THR A 185 -1.57 7.33 15.88
CA THR A 185 -0.62 7.14 17.00
C THR A 185 -1.01 5.91 17.81
N SER A 186 -2.26 5.79 18.19
CA SER A 186 -2.79 4.69 18.98
C SER A 186 -2.75 3.32 18.26
N VAL A 187 -3.16 3.30 16.99
CA VAL A 187 -3.17 2.06 16.21
C VAL A 187 -1.76 1.59 15.90
N SER A 188 -0.80 2.46 15.58
CA SER A 188 0.58 2.00 15.29
C SER A 188 1.27 1.50 16.55
N GLN A 189 0.94 2.07 17.73
CA GLN A 189 1.42 1.51 19.00
C GLN A 189 0.91 0.09 19.19
N TYR A 190 -0.35 -0.17 18.87
CA TYR A 190 -0.96 -1.49 18.96
C TYR A 190 -0.28 -2.49 18.02
N VAL A 191 -0.03 -2.15 16.77
CA VAL A 191 0.68 -3.08 15.86
C VAL A 191 2.07 -3.46 16.39
N LYS A 192 2.86 -2.51 16.88
CA LYS A 192 4.18 -2.77 17.47
C LYS A 192 4.07 -3.67 18.70
N SER A 193 2.98 -3.67 19.46
CA SER A 193 2.80 -4.56 20.62
C SER A 193 2.58 -6.02 20.20
N LEU A 194 2.21 -6.24 18.95
CA LEU A 194 1.95 -7.56 18.39
C LEU A 194 3.12 -8.15 17.60
N ASP A 195 4.08 -7.34 17.18
CA ASP A 195 5.17 -7.73 16.27
C ASP A 195 6.32 -6.74 16.36
N SER A 196 7.44 -7.20 16.94
CA SER A 196 8.63 -6.37 17.05
C SER A 196 9.65 -6.64 15.97
N ASN A 197 9.35 -7.51 14.97
CA ASN A 197 10.27 -7.78 13.90
C ASN A 197 10.10 -6.88 12.69
N HIS A 198 8.91 -6.32 12.46
CA HIS A 198 8.62 -5.54 11.26
C HIS A 198 8.33 -4.04 11.31
N LEU A 199 8.51 -3.32 10.22
CA LEU A 199 8.27 -1.89 10.04
C LEU A 199 6.77 -1.61 9.92
N VAL A 200 6.32 -0.38 10.18
CA VAL A 200 4.93 0.09 10.16
C VAL A 200 4.81 1.47 9.48
N THR A 201 3.82 1.70 8.63
CA THR A 201 3.60 2.95 7.88
C THR A 201 2.11 3.30 7.77
N LEU A 202 1.70 4.53 7.40
CA LEU A 202 0.30 4.95 7.35
C LEU A 202 -0.51 4.54 6.10
N GLY A 203 0.07 4.78 4.89
CA GLY A 203 -0.68 4.49 3.65
C GLY A 203 -1.43 5.67 3.03
N ASP A 204 -1.20 6.87 3.55
CA ASP A 204 -1.82 8.09 3.02
C ASP A 204 -1.29 8.51 1.66
N GLU A 205 -2.00 9.40 0.98
CA GLU A 205 -1.64 9.97 -0.30
C GLU A 205 -0.56 11.06 -0.20
N GLY A 206 -0.34 11.61 1.00
CA GLY A 206 0.62 12.68 1.23
C GLY A 206 0.03 14.08 1.22
N LEU A 207 -1.30 14.23 1.28
CA LEU A 207 -1.93 15.55 1.20
C LEU A 207 -1.62 16.45 2.39
N GLY A 208 -1.48 17.76 2.17
CA GLY A 208 -1.25 18.73 3.25
C GLY A 208 0.23 18.99 3.53
N LEU A 209 0.86 19.92 2.82
CA LEU A 209 2.28 20.25 2.94
C LEU A 209 2.54 21.68 2.44
N SER A 210 3.10 22.52 3.31
CA SER A 210 3.22 23.96 3.04
C SER A 210 4.40 24.44 2.22
N THR A 211 5.31 23.58 1.82
CA THR A 211 6.49 23.88 1.00
C THR A 211 6.27 23.79 -0.50
N GLY A 212 5.07 23.53 -1.00
CA GLY A 212 4.69 23.40 -2.37
C GLY A 212 4.26 24.65 -3.15
N ASP A 213 3.49 24.49 -4.22
CA ASP A 213 3.02 25.61 -5.04
C ASP A 213 1.58 26.03 -4.72
N GLY A 214 0.94 25.41 -3.72
CA GLY A 214 -0.41 25.79 -3.34
C GLY A 214 -1.57 25.16 -4.07
N ALA A 215 -1.32 24.24 -5.00
CA ALA A 215 -2.39 23.46 -5.64
C ALA A 215 -3.21 22.72 -4.58
N TYR A 216 -4.46 22.29 -4.83
CA TYR A 216 -5.28 21.60 -3.84
C TYR A 216 -4.64 20.45 -3.10
N PRO A 217 -3.89 19.55 -3.70
CA PRO A 217 -3.26 18.45 -2.94
C PRO A 217 -2.33 18.91 -1.83
N TYR A 218 -1.76 20.12 -1.93
CA TYR A 218 -0.88 20.69 -0.90
C TYR A 218 -1.66 21.39 0.24
N THR A 219 -2.93 21.68 0.05
CA THR A 219 -3.79 22.30 1.08
C THR A 219 -4.38 21.31 2.06
N TYR A 220 -5.16 21.81 3.03
CA TYR A 220 -5.60 21.02 4.19
C TYR A 220 -7.10 20.76 4.28
N GLY A 221 -7.71 20.28 3.21
CA GLY A 221 -9.14 19.99 3.17
C GLY A 221 -9.55 18.52 3.34
N GLU A 222 -8.60 17.60 3.50
CA GLU A 222 -8.90 16.18 3.61
C GLU A 222 -8.45 15.56 4.94
N GLY A 223 -8.25 16.39 5.96
CA GLY A 223 -7.96 15.93 7.31
C GLY A 223 -6.55 15.39 7.57
N THR A 224 -5.62 15.62 6.64
CA THR A 224 -4.24 15.18 6.81
C THR A 224 -3.19 16.29 6.76
N ASP A 225 -2.14 16.16 7.59
CA ASP A 225 -0.95 17.01 7.65
C ASP A 225 0.29 16.11 7.54
N PHE A 226 0.95 16.12 6.36
CA PHE A 226 2.06 15.21 6.06
C PHE A 226 3.21 15.30 7.06
N ALA A 227 3.70 16.51 7.38
CA ALA A 227 4.80 16.60 8.37
C ALA A 227 4.41 16.09 9.73
N LYS A 228 3.23 16.40 10.24
CA LYS A 228 2.77 15.88 11.53
C LYS A 228 2.66 14.36 11.55
N ASN A 229 2.14 13.77 10.48
CA ASN A 229 1.96 12.32 10.43
C ASN A 229 3.30 11.59 10.40
N VAL A 230 4.25 12.05 9.57
CA VAL A 230 5.56 11.41 9.48
C VAL A 230 6.43 11.52 10.73
N GLN A 231 6.14 12.47 11.62
CA GLN A 231 6.80 12.59 12.91
C GLN A 231 6.21 11.72 14.02
N ILE A 232 5.13 10.98 13.78
CA ILE A 232 4.58 10.06 14.79
C ILE A 232 5.64 9.01 15.16
N LYS A 233 5.92 8.77 16.46
CA LYS A 233 7.05 7.92 16.85
C LYS A 233 6.99 6.46 16.45
N SER A 234 5.78 5.90 16.36
CA SER A 234 5.54 4.50 16.02
C SER A 234 5.30 4.26 14.53
N LEU A 235 5.60 5.22 13.67
CA LEU A 235 5.63 5.03 12.21
C LEU A 235 7.10 5.13 11.76
N ASP A 236 7.57 4.26 10.86
CA ASP A 236 9.00 4.17 10.55
C ASP A 236 9.46 4.86 9.27
N PHE A 237 8.55 5.11 8.33
CA PHE A 237 8.82 5.76 7.05
C PHE A 237 7.54 6.40 6.49
N GLY A 238 7.67 7.40 5.59
CA GLY A 238 6.56 8.08 4.95
C GLY A 238 6.09 7.44 3.64
N THR A 239 4.78 7.59 3.32
CA THR A 239 4.24 7.19 2.02
C THR A 239 3.56 8.34 1.26
N PHE A 240 3.56 8.36 -0.08
CA PHE A 240 2.74 9.33 -0.84
C PHE A 240 2.36 8.72 -2.20
N HIS A 241 1.25 9.16 -2.75
CA HIS A 241 0.69 8.71 -4.05
C HIS A 241 0.68 9.84 -5.08
N LEU A 242 0.36 9.62 -6.36
CA LEU A 242 0.38 10.66 -7.40
C LEU A 242 -0.57 10.37 -8.59
N TYR A 243 -1.61 11.19 -8.77
CA TYR A 243 -2.58 11.02 -9.89
C TYR A 243 -3.03 12.37 -10.44
N PRO A 244 -2.21 13.03 -11.26
CA PRO A 244 -2.48 14.35 -11.83
C PRO A 244 -3.75 14.53 -12.63
N ASP A 245 -4.18 13.52 -13.34
CA ASP A 245 -5.41 13.61 -14.13
C ASP A 245 -6.64 13.60 -13.26
N SER A 246 -6.59 13.16 -12.00
CA SER A 246 -7.74 13.17 -11.14
C SER A 246 -7.70 14.43 -10.26
N TRP A 247 -6.54 15.04 -10.06
CA TRP A 247 -6.27 16.15 -9.19
C TRP A 247 -6.29 17.52 -9.85
N GLY A 248 -6.42 17.58 -11.18
CA GLY A 248 -6.43 18.86 -11.90
C GLY A 248 -5.08 19.53 -12.11
N THR A 249 -3.97 18.82 -11.99
CA THR A 249 -2.64 19.35 -12.22
C THR A 249 -2.05 18.76 -13.51
N ASN A 250 -0.95 19.31 -14.00
CA ASN A 250 -0.33 18.69 -15.18
C ASN A 250 0.71 17.63 -14.81
N TYR A 251 1.23 16.92 -15.82
CA TYR A 251 2.13 15.81 -15.55
C TYR A 251 3.48 16.25 -14.98
N THR A 252 4.08 17.36 -15.45
CA THR A 252 5.39 17.78 -14.97
C THR A 252 5.39 18.31 -13.53
N TRP A 253 4.22 18.65 -13.01
CA TRP A 253 4.05 19.06 -11.60
C TRP A 253 4.41 17.92 -10.66
N GLY A 254 4.31 16.66 -11.11
CA GLY A 254 4.73 15.52 -10.31
C GLY A 254 6.17 15.52 -9.83
N ASN A 255 7.11 16.15 -10.57
CA ASN A 255 8.49 16.16 -10.13
C ASN A 255 8.67 16.96 -8.84
N GLY A 256 8.06 18.13 -8.78
CA GLY A 256 8.04 18.93 -7.54
C GLY A 256 7.32 18.25 -6.38
N TRP A 257 6.25 17.51 -6.65
CA TRP A 257 5.54 16.75 -5.61
C TRP A 257 6.47 15.72 -4.96
N ILE A 258 7.28 15.03 -5.75
CA ILE A 258 8.28 14.07 -5.27
C ILE A 258 9.34 14.80 -4.41
N GLN A 259 9.88 15.92 -4.89
CA GLN A 259 10.93 16.65 -4.21
C GLN A 259 10.51 17.21 -2.84
N THR A 260 9.33 17.81 -2.74
CA THR A 260 8.87 18.35 -1.45
C THR A 260 8.64 17.25 -0.43
N HIS A 261 8.06 16.10 -0.82
CA HIS A 261 7.82 15.00 0.12
C HIS A 261 9.11 14.36 0.62
N ALA A 262 10.09 14.13 -0.25
CA ALA A 262 11.39 13.61 0.08
C ALA A 262 12.09 14.50 1.14
N ALA A 263 12.00 15.83 0.98
CA ALA A 263 12.62 16.74 1.97
C ALA A 263 11.93 16.69 3.34
N ALA A 264 10.61 16.54 3.36
CA ALA A 264 9.85 16.42 4.62
C ALA A 264 10.15 15.10 5.31
N CYS A 265 10.32 13.99 4.58
CA CYS A 265 10.74 12.73 5.17
C CYS A 265 12.13 12.89 5.82
N LEU A 266 13.11 13.44 5.10
CA LEU A 266 14.46 13.63 5.62
C LEU A 266 14.53 14.59 6.80
N ALA A 267 13.71 15.65 6.83
CA ALA A 267 13.62 16.52 8.01
C ALA A 267 13.10 15.84 9.27
N ALA A 268 12.34 14.76 9.17
CA ALA A 268 11.86 13.90 10.22
C ALA A 268 12.81 12.73 10.53
N GLY A 269 13.91 12.61 9.81
CA GLY A 269 14.89 11.56 10.08
C GLY A 269 14.61 10.20 9.45
N LYS A 270 13.74 10.12 8.45
CA LYS A 270 13.27 8.86 7.89
C LYS A 270 13.25 8.82 6.36
N PRO A 271 13.19 7.65 5.70
CA PRO A 271 12.96 7.59 4.26
C PRO A 271 11.48 7.74 3.86
N CYS A 272 11.20 8.04 2.60
CA CYS A 272 9.89 8.09 1.97
C CYS A 272 9.82 6.95 0.91
N VAL A 273 8.62 6.42 0.65
CA VAL A 273 8.34 5.47 -0.42
C VAL A 273 7.28 6.09 -1.34
N PHE A 274 7.55 6.22 -2.64
CA PHE A 274 6.62 6.70 -3.68
C PHE A 274 5.78 5.49 -4.09
N GLU A 275 4.70 5.23 -3.36
CA GLU A 275 3.97 3.98 -3.30
C GLU A 275 2.91 3.64 -4.34
N GLU A 276 2.31 4.60 -5.00
CA GLU A 276 1.27 4.37 -6.03
C GLU A 276 1.21 5.53 -6.99
N TYR A 277 1.37 5.35 -8.31
CA TYR A 277 1.31 6.45 -9.26
C TYR A 277 0.82 5.98 -10.65
N GLY A 278 0.16 6.87 -11.41
CA GLY A 278 -0.26 6.58 -12.77
C GLY A 278 -0.68 7.81 -13.57
N ALA A 279 -0.58 7.75 -14.89
CA ALA A 279 -1.09 8.76 -15.83
C ALA A 279 -2.07 8.12 -16.82
N GLN A 280 -3.19 8.74 -17.13
CA GLN A 280 -4.25 8.14 -17.95
C GLN A 280 -3.91 8.12 -19.43
N GLN A 281 -3.13 9.11 -19.86
CA GLN A 281 -2.67 9.27 -21.23
C GLN A 281 -1.15 9.12 -21.33
N ASN A 282 -0.68 8.49 -22.42
CA ASN A 282 0.73 8.31 -22.71
C ASN A 282 1.64 7.98 -21.54
N PRO A 283 1.48 6.82 -20.89
CA PRO A 283 2.23 6.48 -19.69
C PRO A 283 3.73 6.40 -19.82
N CYS A 284 4.27 5.80 -20.90
CA CYS A 284 5.73 5.77 -21.05
C CYS A 284 6.33 7.17 -21.09
N THR A 285 5.79 8.09 -21.88
CA THR A 285 6.27 9.47 -21.97
C THR A 285 6.18 10.22 -20.64
N ASN A 286 5.04 10.15 -19.97
CA ASN A 286 4.74 10.90 -18.76
C ASN A 286 5.24 10.32 -17.44
N GLU A 287 5.33 8.99 -17.31
CA GLU A 287 5.82 8.42 -16.04
C GLU A 287 7.32 8.19 -15.89
N ALA A 288 8.02 7.95 -17.00
CA ALA A 288 9.47 7.78 -17.00
C ALA A 288 10.24 8.90 -16.32
N PRO A 289 9.96 10.16 -16.53
CA PRO A 289 10.67 11.24 -15.83
C PRO A 289 10.47 11.23 -14.31
N TRP A 290 9.29 10.78 -13.83
CA TRP A 290 9.02 10.66 -12.40
C TRP A 290 9.95 9.63 -11.73
N GLN A 291 10.14 8.49 -12.39
CA GLN A 291 11.02 7.41 -11.98
C GLN A 291 12.46 7.90 -11.81
N THR A 292 12.97 8.69 -12.73
CA THR A 292 14.32 9.27 -12.64
C THR A 292 14.44 10.28 -11.51
N THR A 293 13.46 11.15 -11.33
CA THR A 293 13.44 12.10 -10.21
C THR A 293 13.53 11.38 -8.87
N SER A 294 12.71 10.35 -8.65
CA SER A 294 12.77 9.60 -7.37
C SER A 294 14.11 8.92 -7.13
N LEU A 295 14.70 8.28 -8.17
CA LEU A 295 15.99 7.63 -8.03
C LEU A 295 17.08 8.62 -7.62
N THR A 296 17.03 9.85 -8.14
CA THR A 296 18.10 10.81 -7.88
C THR A 296 17.81 11.89 -6.85
N THR A 297 16.81 11.75 -5.99
CA THR A 297 16.49 12.71 -4.93
C THR A 297 16.81 12.15 -3.54
N ARG A 298 17.58 12.93 -2.75
CA ARG A 298 17.92 12.49 -1.38
C ARG A 298 16.68 12.37 -0.48
N GLY A 299 16.52 11.27 0.26
CA GLY A 299 15.32 11.12 1.12
C GLY A 299 14.34 10.08 0.55
N MET A 300 14.50 9.73 -0.72
CA MET A 300 13.67 8.72 -1.37
C MET A 300 14.30 7.32 -1.30
N GLY A 301 13.61 6.34 -0.72
CA GLY A 301 14.13 4.99 -0.61
C GLY A 301 13.63 3.97 -1.62
N GLY A 302 12.54 4.24 -2.30
CA GLY A 302 12.04 3.32 -3.35
C GLY A 302 10.76 3.86 -4.00
N ASP A 303 10.31 3.21 -5.07
CA ASP A 303 9.08 3.56 -5.78
C ASP A 303 8.33 2.33 -6.33
N MET A 304 6.99 2.38 -6.43
CA MET A 304 6.16 1.27 -6.93
C MET A 304 5.04 1.75 -7.85
N PHE A 305 5.07 1.52 -9.18
CA PHE A 305 3.97 1.93 -10.06
C PHE A 305 2.64 1.20 -9.87
N TRP A 306 1.51 1.84 -10.23
CA TRP A 306 0.17 1.24 -10.33
C TRP A 306 -0.11 0.99 -11.82
N GLN A 307 -0.29 -0.23 -12.32
CA GLN A 307 -0.26 -1.47 -11.56
C GLN A 307 0.21 -2.64 -12.48
N TRP A 308 0.57 -3.79 -11.92
CA TRP A 308 0.95 -5.00 -12.69
C TRP A 308 -0.26 -5.64 -13.37
N GLY A 309 -0.09 -6.18 -14.60
CA GLY A 309 -1.09 -7.01 -15.25
C GLY A 309 -0.45 -8.32 -15.73
N ASP A 310 -1.18 -9.47 -15.72
CA ASP A 310 -0.52 -10.72 -16.15
C ASP A 310 -1.58 -11.73 -16.63
N THR A 311 -1.18 -12.89 -17.14
CA THR A 311 -2.08 -13.92 -17.69
C THR A 311 -1.70 -15.30 -17.13
N PHE A 312 -2.62 -16.27 -17.12
CA PHE A 312 -2.47 -17.55 -16.44
C PHE A 312 -2.40 -18.77 -17.35
N ALA A 313 -2.10 -19.94 -16.77
CA ALA A 313 -1.98 -21.19 -17.53
C ALA A 313 -3.20 -21.58 -18.35
N ASN A 314 -4.41 -21.19 -17.96
CA ASN A 314 -5.65 -21.48 -18.65
C ASN A 314 -6.02 -20.50 -19.75
N GLY A 315 -5.21 -19.46 -20.00
CA GLY A 315 -5.51 -18.48 -21.03
C GLY A 315 -6.30 -17.29 -20.54
N ALA A 316 -6.68 -17.30 -19.25
CA ALA A 316 -7.38 -16.08 -18.77
C ALA A 316 -6.39 -14.99 -18.37
N GLN A 317 -6.84 -13.74 -18.39
CA GLN A 317 -6.07 -12.58 -17.93
C GLN A 317 -6.53 -12.09 -16.54
N SER A 318 -5.64 -11.40 -15.82
CA SER A 318 -6.00 -10.85 -14.51
C SER A 318 -6.97 -9.68 -14.56
N ASN A 319 -7.42 -9.24 -13.37
CA ASN A 319 -8.17 -7.99 -13.28
C ASN A 319 -7.33 -6.88 -13.94
N SER A 320 -7.92 -5.91 -14.64
CA SER A 320 -7.26 -4.79 -15.26
C SER A 320 -7.95 -3.43 -15.04
N ASP A 321 -7.28 -2.33 -15.36
CA ASP A 321 -7.88 -0.96 -15.29
C ASP A 321 -7.16 -0.08 -16.31
N PRO A 322 -7.44 1.22 -16.42
CA PRO A 322 -6.74 2.07 -17.39
C PRO A 322 -5.24 2.22 -17.21
N TYR A 323 -4.68 1.84 -16.06
CA TYR A 323 -3.28 2.00 -15.72
C TYR A 323 -2.46 0.71 -15.88
N THR A 324 -3.09 -0.41 -16.23
CA THR A 324 -2.37 -1.69 -16.26
C THR A 324 -1.15 -1.71 -17.17
N VAL A 325 -0.02 -2.26 -16.68
CA VAL A 325 1.21 -2.47 -17.45
C VAL A 325 1.35 -3.99 -17.58
N TRP A 326 1.06 -4.56 -18.76
CA TRP A 326 1.07 -5.98 -18.98
C TRP A 326 2.48 -6.55 -19.07
N TYR A 327 2.77 -7.67 -18.37
CA TYR A 327 4.10 -8.28 -18.44
C TYR A 327 4.54 -8.57 -19.88
N ASN A 328 5.79 -8.24 -20.21
CA ASN A 328 6.40 -8.46 -21.51
C ASN A 328 5.97 -7.53 -22.64
N SER A 329 5.11 -6.55 -22.41
CA SER A 329 4.65 -5.56 -23.36
C SER A 329 5.66 -4.42 -23.59
N SER A 330 5.37 -3.52 -24.54
CA SER A 330 6.21 -2.35 -24.82
C SER A 330 6.27 -1.43 -23.61
N ASN A 331 5.19 -1.32 -22.86
CA ASN A 331 5.19 -0.51 -21.63
C ASN A 331 5.92 -1.22 -20.48
N TRP A 332 6.00 -2.56 -20.41
CA TRP A 332 6.90 -3.26 -19.49
C TRP A 332 8.35 -2.91 -19.86
N GLN A 333 8.74 -2.86 -21.14
CA GLN A 333 10.10 -2.48 -21.53
C GLN A 333 10.42 -1.06 -21.05
N CYS A 334 9.53 -0.09 -21.21
CA CYS A 334 9.81 1.31 -20.88
C CYS A 334 9.79 1.63 -19.37
N LEU A 335 8.87 1.05 -18.64
CA LEU A 335 8.64 1.38 -17.22
C LEU A 335 9.10 0.36 -16.20
N VAL A 336 9.54 -0.83 -16.60
CA VAL A 336 10.03 -1.87 -15.70
C VAL A 336 11.48 -2.19 -16.09
N LYS A 337 11.75 -2.86 -17.22
CA LYS A 337 13.14 -3.21 -17.57
C LYS A 337 14.11 -2.03 -17.60
N ASN A 338 13.75 -0.95 -18.28
CA ASN A 338 14.65 0.20 -18.38
C ASN A 338 14.89 0.85 -17.01
N HIS A 339 13.91 0.84 -16.10
CA HIS A 339 14.07 1.43 -14.75
C HIS A 339 14.95 0.55 -13.87
N VAL A 340 14.72 -0.76 -13.86
CA VAL A 340 15.59 -1.71 -13.16
C VAL A 340 17.04 -1.60 -13.66
N ASP A 341 17.27 -1.44 -14.97
CA ASP A 341 18.63 -1.29 -15.49
C ASP A 341 19.32 -0.02 -15.02
N ALA A 342 18.59 1.06 -14.77
CA ALA A 342 19.16 2.31 -14.27
C ALA A 342 19.52 2.26 -12.78
N ILE A 343 18.86 1.44 -11.99
CA ILE A 343 19.16 1.28 -10.58
C ILE A 343 20.43 0.43 -10.43
N ASN A 344 20.66 -0.54 -11.31
CA ASN A 344 21.88 -1.34 -11.31
C ASN A 344 22.24 -2.06 -12.61
#